data_2WCF
#
_entry.id   2WCF
#
_cell.length_a   45.185
_cell.length_b   93.197
_cell.length_c   144.532
_cell.angle_alpha   90.00
_cell.angle_beta   90.00
_cell.angle_gamma   90.00
#
_symmetry.space_group_name_H-M   'P 21 21 21'
#
loop_
_entity.id
_entity.type
_entity.pdbx_description
1 polymer 'PROTEIN S100-A12'
2 non-polymer 'SODIUM ION'
3 water water
#
_entity_poly.entity_id   1
_entity_poly.type   'polypeptide(L)'
_entity_poly.pdbx_seq_one_letter_code
;MGGSTKLEEHLEGIVNIFHQYSVRKGHFDTLSKGELKQLLTKELANTIKNIKDKAVIDEIFQGLDANQDEQVDFQEFISL
VAIALKAAHYHTHKE
;
_entity_poly.pdbx_strand_id   A,B,C,D,E,F
#
loop_
_chem_comp.id
_chem_comp.type
_chem_comp.name
_chem_comp.formula
NA non-polymer 'SODIUM ION' 'Na 1'
#
# COMPACT_ATOMS: atom_id res chain seq x y z
N SER A 4 22.69 -21.88 25.84
CA SER A 4 22.75 -20.88 24.68
C SER A 4 23.82 -21.15 23.58
N THR A 5 23.52 -20.84 22.31
CA THR A 5 24.33 -21.35 21.22
C THR A 5 25.62 -20.55 21.01
N LYS A 6 26.55 -21.13 20.25
CA LYS A 6 27.74 -20.38 19.85
C LYS A 6 27.38 -19.08 19.12
N LEU A 7 26.50 -19.18 18.12
CA LEU A 7 26.08 -18.00 17.37
C LEU A 7 25.49 -16.98 18.31
N GLU A 8 24.55 -17.41 19.15
CA GLU A 8 24.01 -16.53 20.19
C GLU A 8 25.07 -15.75 21.01
N GLU A 9 26.05 -16.46 21.59
CA GLU A 9 27.05 -15.83 22.43
C GLU A 9 27.72 -14.68 21.72
N HIS A 10 28.05 -14.83 20.44
CA HIS A 10 28.72 -13.75 19.70
C HIS A 10 27.79 -12.60 19.47
N LEU A 11 26.53 -12.91 19.19
CA LEU A 11 25.49 -11.91 19.07
C LEU A 11 25.42 -11.13 20.38
N GLU A 12 25.36 -11.85 21.50
CA GLU A 12 25.46 -11.18 22.79
C GLU A 12 26.67 -10.18 22.90
N GLY A 13 27.87 -10.67 22.61
CA GLY A 13 29.08 -9.88 22.59
C GLY A 13 28.84 -8.59 21.85
N ILE A 14 28.40 -8.70 20.61
CA ILE A 14 28.10 -7.47 19.89
C ILE A 14 26.95 -6.65 20.50
N VAL A 15 25.93 -7.28 21.07
CA VAL A 15 24.97 -6.41 21.68
C VAL A 15 25.61 -5.65 22.85
N ASN A 16 26.40 -6.36 23.62
CA ASN A 16 27.00 -5.75 24.77
C ASN A 16 27.83 -4.53 24.47
N ILE A 17 28.83 -4.68 23.62
CA ILE A 17 29.63 -3.58 23.14
C ILE A 17 28.69 -2.44 22.70
N PHE A 18 27.77 -2.72 21.77
CA PHE A 18 26.86 -1.65 21.31
C PHE A 18 26.25 -0.98 22.53
N HIS A 19 25.73 -1.80 23.42
CA HIS A 19 25.04 -1.27 24.56
C HIS A 19 25.96 -0.34 25.43
N GLN A 20 27.27 -0.66 25.50
CA GLN A 20 28.22 0.10 26.36
C GLN A 20 28.32 1.52 25.84
N TYR A 21 28.46 1.63 24.53
CA TYR A 21 28.52 2.90 23.83
C TYR A 21 27.32 3.77 24.10
N SER A 22 26.11 3.22 23.97
CA SER A 22 24.84 3.98 24.11
C SER A 22 24.65 4.59 25.49
N VAL A 23 25.06 3.81 26.49
CA VAL A 23 25.00 4.17 27.87
C VAL A 23 26.05 5.17 28.21
N ARG A 24 27.27 4.94 27.79
CA ARG A 24 28.35 5.90 27.98
C ARG A 24 28.04 7.25 27.31
N LYS A 25 27.25 7.28 26.24
CA LYS A 25 27.03 8.53 25.50
C LYS A 25 25.61 9.12 25.73
N GLY A 26 24.76 8.34 26.39
CA GLY A 26 23.55 8.91 26.96
C GLY A 26 22.43 7.90 27.12
N HIS A 27 21.91 7.45 25.98
CA HIS A 27 20.62 6.82 25.97
C HIS A 27 20.82 5.31 26.12
N PHE A 28 19.76 4.57 26.43
CA PHE A 28 19.92 3.19 26.93
C PHE A 28 20.07 2.17 25.83
N ASP A 29 19.40 2.38 24.72
CA ASP A 29 19.62 1.44 23.66
C ASP A 29 19.59 2.02 22.24
N THR A 30 19.98 3.26 22.13
CA THR A 30 20.20 3.91 20.88
C THR A 30 21.44 4.72 21.11
N LEU A 31 22.12 5.10 20.04
CA LEU A 31 23.36 5.88 20.16
C LEU A 31 23.30 6.78 18.98
N SER A 32 23.78 8.00 19.17
CA SER A 32 23.74 9.00 18.12
C SER A 32 24.64 8.55 16.96
N LYS A 33 24.42 9.18 15.80
CA LYS A 33 25.19 8.88 14.60
C LYS A 33 26.61 9.25 14.85
N GLY A 34 26.78 10.53 15.20
CA GLY A 34 28.06 11.09 15.59
C GLY A 34 28.88 10.04 16.29
N GLU A 35 28.32 9.47 17.35
CA GLU A 35 29.11 8.51 18.13
C GLU A 35 28.96 7.07 17.59
N LEU A 36 28.17 6.89 16.54
CA LEU A 36 28.29 5.63 15.83
C LEU A 36 29.57 5.71 14.96
N LYS A 37 29.82 6.86 14.32
CA LYS A 37 31.08 7.03 13.59
C LYS A 37 32.33 6.76 14.45
N GLN A 38 32.40 7.28 15.67
CA GLN A 38 33.57 6.92 16.46
C GLN A 38 33.53 5.45 16.86
N LEU A 39 32.34 4.86 16.98
CA LEU A 39 32.33 3.47 17.39
C LEU A 39 33.01 2.69 16.30
N LEU A 40 32.43 2.79 15.14
CA LEU A 40 32.88 2.08 14.01
C LEU A 40 34.39 2.32 13.81
N THR A 41 34.82 3.57 13.81
CA THR A 41 36.16 3.80 13.30
C THR A 41 37.18 3.18 14.26
N LYS A 42 36.88 3.21 15.57
CA LYS A 42 37.71 2.53 16.59
C LYS A 42 37.61 0.99 16.42
N GLU A 43 36.37 0.46 16.31
CA GLU A 43 36.09 -0.95 16.61
C GLU A 43 36.14 -1.91 15.43
N LEU A 44 35.73 -1.42 14.27
CA LEU A 44 36.01 -2.05 13.01
C LEU A 44 37.25 -1.53 12.32
N ALA A 45 38.23 -1.00 13.03
CA ALA A 45 39.35 -0.33 12.34
C ALA A 45 40.17 -1.24 11.44
N ASN A 46 40.50 -2.41 11.98
CA ASN A 46 41.02 -3.52 11.18
C ASN A 46 40.24 -3.76 9.91
N THR A 47 38.93 -4.00 10.08
CA THR A 47 38.02 -4.28 8.96
C THR A 47 38.03 -3.18 7.93
N ILE A 48 38.01 -1.96 8.41
CA ILE A 48 37.99 -0.82 7.55
C ILE A 48 39.26 -0.84 6.74
N LYS A 49 40.38 -1.14 7.42
CA LYS A 49 41.65 -1.08 6.70
C LYS A 49 41.53 -2.09 5.57
N ASN A 50 40.82 -3.18 5.84
CA ASN A 50 40.74 -4.24 4.87
C ASN A 50 39.93 -3.87 3.63
N ILE A 51 38.93 -3.00 3.75
CA ILE A 51 38.14 -2.54 2.58
C ILE A 51 38.96 -1.97 1.41
N LYS A 52 38.89 -2.64 0.26
CA LYS A 52 39.57 -2.25 -0.99
C LYS A 52 38.87 -1.09 -1.71
N ASP A 53 37.57 -0.89 -1.47
CA ASP A 53 36.80 0.21 -2.09
C ASP A 53 36.35 1.19 -1.03
N LYS A 54 37.13 2.23 -0.85
CA LYS A 54 36.95 3.09 0.32
C LYS A 54 35.71 3.95 0.13
N ALA A 55 35.32 4.15 -1.13
CA ALA A 55 34.11 4.86 -1.49
C ALA A 55 32.94 4.37 -0.66
N VAL A 56 33.02 3.14 -0.17
CA VAL A 56 31.96 2.60 0.67
C VAL A 56 31.82 3.23 2.04
N ILE A 57 32.86 3.17 2.88
CA ILE A 57 32.81 3.83 4.22
C ILE A 57 32.79 5.33 4.10
N ASP A 58 33.49 5.85 3.09
CA ASP A 58 33.43 7.26 2.80
C ASP A 58 31.97 7.62 2.82
N GLU A 59 31.16 6.95 2.01
CA GLU A 59 29.73 7.14 2.09
C GLU A 59 29.24 6.98 3.53
N ILE A 60 29.03 5.76 4.00
CA ILE A 60 28.51 5.59 5.34
C ILE A 60 28.81 6.80 6.21
N PHE A 61 30.09 7.15 6.32
CA PHE A 61 30.58 8.23 7.16
C PHE A 61 30.10 9.59 6.66
N GLN A 62 30.33 9.89 5.38
CA GLN A 62 29.82 11.15 4.78
C GLN A 62 28.31 11.22 4.96
N GLY A 63 27.76 10.21 5.62
CA GLY A 63 26.36 10.10 5.92
C GLY A 63 26.15 10.20 7.41
N LEU A 64 27.03 9.58 8.19
CA LEU A 64 26.99 9.67 9.65
C LEU A 64 27.33 11.06 10.14
N ASP A 65 28.34 11.69 9.52
CA ASP A 65 28.71 13.06 9.84
C ASP A 65 27.56 13.99 9.52
N ALA A 66 26.83 13.65 8.45
CA ALA A 66 25.82 14.53 7.86
C ALA A 66 24.64 14.84 8.78
N ASN A 67 24.33 13.90 9.67
CA ASN A 67 23.32 14.10 10.69
C ASN A 67 23.73 13.53 12.03
N GLN A 68 24.70 14.17 12.70
CA GLN A 68 25.38 13.54 13.85
C GLN A 68 24.52 13.16 15.05
N ASP A 69 23.31 13.72 15.12
CA ASP A 69 22.53 13.59 16.33
C ASP A 69 21.42 12.61 16.36
N GLU A 70 21.09 12.02 15.22
CA GLU A 70 19.97 11.10 15.17
C GLU A 70 20.35 9.83 15.93
N GLN A 71 19.56 9.49 16.96
CA GLN A 71 19.80 8.26 17.71
C GLN A 71 19.72 7.04 16.76
N VAL A 72 20.39 5.95 17.05
CA VAL A 72 20.08 4.77 16.28
C VAL A 72 20.11 3.56 17.15
N ASP A 73 19.41 2.54 16.69
CA ASP A 73 19.21 1.35 17.45
C ASP A 73 20.17 0.35 16.89
N PHE A 74 20.32 -0.74 17.63
CA PHE A 74 21.17 -1.81 17.22
C PHE A 74 20.90 -2.30 15.81
N GLN A 75 19.63 -2.46 15.44
CA GLN A 75 19.34 -2.97 14.10
C GLN A 75 19.98 -2.11 13.08
N GLU A 76 19.81 -0.80 13.18
CA GLU A 76 20.53 0.11 12.29
C GLU A 76 22.04 -0.11 12.32
N PHE A 77 22.59 -0.15 13.53
CA PHE A 77 24.00 -0.42 13.80
C PHE A 77 24.41 -1.63 13.10
N ILE A 78 23.82 -2.76 13.45
CA ILE A 78 24.34 -4.04 12.99
C ILE A 78 24.36 -3.96 11.49
N SER A 79 23.31 -3.40 10.88
CA SER A 79 23.22 -3.31 9.44
C SER A 79 24.40 -2.62 8.81
N LEU A 80 24.86 -1.53 9.44
CA LEU A 80 26.01 -0.83 8.92
C LEU A 80 27.23 -1.68 9.19
N VAL A 81 27.26 -2.34 10.33
CA VAL A 81 28.40 -3.21 10.53
C VAL A 81 28.52 -4.23 9.36
N ALA A 82 27.39 -4.72 8.87
CA ALA A 82 27.45 -5.76 7.87
C ALA A 82 27.87 -5.23 6.50
N ILE A 83 27.59 -3.96 6.25
CA ILE A 83 27.80 -3.47 4.90
C ILE A 83 29.30 -3.30 4.72
N ALA A 84 29.90 -2.69 5.74
CA ALA A 84 31.38 -2.67 5.94
C ALA A 84 31.93 -4.05 5.73
N LEU A 85 31.41 -5.01 6.52
CA LEU A 85 31.82 -6.43 6.49
C LEU A 85 31.88 -6.97 5.07
N LYS A 86 30.80 -6.79 4.32
CA LYS A 86 30.83 -7.24 2.94
C LYS A 86 32.04 -6.57 2.24
N ALA A 87 32.11 -5.23 2.26
CA ALA A 87 33.16 -4.49 1.50
C ALA A 87 34.56 -4.94 1.82
N ALA A 88 34.72 -5.64 2.95
CA ALA A 88 36.00 -6.17 3.40
C ALA A 88 36.16 -7.61 3.04
N HIS A 89 35.18 -8.14 2.33
CA HIS A 89 35.20 -9.55 1.95
C HIS A 89 35.30 -10.46 3.17
N TYR A 90 34.78 -9.94 4.28
CA TYR A 90 34.58 -10.67 5.52
C TYR A 90 35.91 -11.02 6.15
N HIS A 91 36.88 -10.14 5.86
CA HIS A 91 38.19 -10.14 6.56
C HIS A 91 38.25 -9.10 7.65
N THR A 92 38.32 -9.57 8.90
CA THR A 92 38.29 -8.74 10.11
C THR A 92 39.68 -8.55 10.78
N HIS A 93 40.76 -8.52 9.98
CA HIS A 93 42.13 -8.78 10.48
C HIS A 93 43.26 -7.81 10.14
N LYS A 94 44.01 -7.41 11.17
CA LYS A 94 45.29 -6.73 10.97
C LYS A 94 46.28 -7.51 10.06
N SER B 4 42.86 -8.87 16.60
CA SER B 4 41.56 -8.19 16.23
C SER B 4 40.88 -7.25 17.31
N THR B 5 39.57 -7.07 17.27
CA THR B 5 38.85 -6.28 18.26
C THR B 5 37.72 -7.17 18.85
N LYS B 6 37.36 -6.99 20.11
CA LYS B 6 36.32 -7.85 20.66
C LYS B 6 35.21 -8.02 19.60
N LEU B 7 34.81 -6.88 19.02
CA LEU B 7 33.74 -6.82 18.04
C LEU B 7 34.09 -7.57 16.79
N GLU B 8 35.27 -7.27 16.28
CA GLU B 8 35.77 -7.91 15.08
C GLU B 8 35.93 -9.35 15.32
N GLU B 9 36.25 -9.76 16.53
CA GLU B 9 36.38 -11.19 16.85
C GLU B 9 35.04 -11.87 16.89
N HIS B 10 34.05 -11.17 17.40
CA HIS B 10 32.69 -11.67 17.28
C HIS B 10 32.21 -11.74 15.83
N LEU B 11 32.45 -10.69 15.02
CA LEU B 11 32.00 -10.72 13.60
C LEU B 11 32.52 -11.96 12.91
N GLU B 12 33.80 -12.17 13.12
CA GLU B 12 34.47 -13.25 12.49
C GLU B 12 33.85 -14.58 12.89
N GLY B 13 33.75 -14.82 14.20
CA GLY B 13 33.04 -15.99 14.70
C GLY B 13 31.68 -16.16 14.01
N ILE B 14 31.05 -15.05 13.64
CA ILE B 14 29.68 -15.20 13.14
C ILE B 14 29.75 -15.63 11.71
N VAL B 15 30.59 -14.96 10.95
CA VAL B 15 30.82 -15.27 9.57
C VAL B 15 31.21 -16.74 9.50
N ASN B 16 32.06 -17.18 10.44
CA ASN B 16 32.39 -18.58 10.44
C ASN B 16 31.15 -19.45 10.51
N ILE B 17 30.22 -19.17 11.44
CA ILE B 17 29.09 -20.05 11.65
C ILE B 17 28.36 -20.10 10.35
N PHE B 18 28.05 -18.90 9.87
CA PHE B 18 27.39 -18.78 8.60
C PHE B 18 28.08 -19.67 7.54
N HIS B 19 29.41 -19.70 7.51
CA HIS B 19 30.06 -20.46 6.46
C HIS B 19 30.00 -21.94 6.76
N GLN B 20 29.88 -22.27 8.05
CA GLN B 20 29.75 -23.70 8.41
C GLN B 20 28.50 -24.16 7.71
N TYR B 21 27.61 -23.22 7.42
CA TYR B 21 26.37 -23.56 6.77
C TYR B 21 26.53 -23.43 5.29
N SER B 22 26.85 -22.21 4.82
CA SER B 22 26.92 -21.83 3.38
C SER B 22 27.65 -22.83 2.46
N VAL B 23 28.46 -23.65 3.09
CA VAL B 23 29.53 -24.35 2.44
C VAL B 23 29.10 -25.78 2.11
N ARG B 24 27.87 -26.12 2.49
CA ARG B 24 27.42 -27.51 2.54
C ARG B 24 26.78 -27.95 1.23
N LYS B 25 26.20 -27.00 0.51
CA LYS B 25 25.41 -27.34 -0.70
C LYS B 25 25.70 -26.31 -1.78
N GLY B 26 25.16 -26.53 -2.96
CA GLY B 26 24.96 -25.43 -3.91
C GLY B 26 26.13 -24.48 -3.94
N HIS B 27 25.89 -23.21 -3.79
CA HIS B 27 26.99 -22.28 -3.87
C HIS B 27 27.57 -22.00 -2.52
N PHE B 28 28.82 -21.65 -2.55
CA PHE B 28 29.69 -21.78 -1.39
C PHE B 28 29.68 -20.70 -0.35
N ASP B 29 29.37 -19.46 -0.76
CA ASP B 29 29.16 -18.32 0.16
C ASP B 29 27.72 -17.84 0.16
N THR B 30 26.76 -18.70 -0.12
CA THR B 30 25.36 -18.37 0.00
C THR B 30 24.61 -19.59 0.53
N LEU B 31 23.32 -19.45 0.80
CA LEU B 31 22.42 -20.63 0.97
C LEU B 31 20.99 -20.32 0.59
N SER B 32 20.23 -21.41 0.44
CA SER B 32 18.85 -21.38 0.11
C SER B 32 18.16 -20.91 1.38
N LYS B 33 17.00 -20.27 1.19
CA LYS B 33 16.22 -19.77 2.32
C LYS B 33 15.78 -20.94 3.17
N GLY B 34 15.47 -22.07 2.53
CA GLY B 34 15.16 -23.32 3.26
C GLY B 34 16.30 -23.61 4.25
N GLU B 35 17.52 -23.60 3.74
CA GLU B 35 18.64 -23.73 4.66
C GLU B 35 18.66 -22.66 5.73
N LEU B 36 18.56 -21.40 5.31
CA LEU B 36 18.48 -20.26 6.28
C LEU B 36 17.53 -20.52 7.44
N LYS B 37 16.34 -20.98 7.10
CA LYS B 37 15.33 -21.34 8.07
C LYS B 37 15.93 -22.40 8.95
N GLN B 38 16.68 -23.31 8.38
CA GLN B 38 17.23 -24.31 9.27
C GLN B 38 18.29 -23.65 10.19
N LEU B 39 19.16 -22.82 9.63
CA LEU B 39 20.09 -22.09 10.46
C LEU B 39 19.39 -21.41 11.65
N LEU B 40 18.27 -20.72 11.38
CA LEU B 40 17.74 -19.98 12.45
C LEU B 40 17.16 -20.95 13.50
N THR B 41 16.34 -21.90 13.05
CA THR B 41 15.77 -22.83 14.00
C THR B 41 16.83 -23.29 14.97
N LYS B 42 18.05 -23.59 14.50
CA LYS B 42 18.99 -24.27 15.40
C LYS B 42 19.78 -23.23 16.17
N GLU B 43 20.31 -22.25 15.45
CA GLU B 43 21.28 -21.31 16.05
C GLU B 43 20.63 -20.18 16.79
N LEU B 44 19.40 -19.77 16.42
CA LEU B 44 18.69 -18.80 17.27
C LEU B 44 17.64 -19.41 18.18
N ALA B 45 17.62 -20.73 18.33
CA ALA B 45 16.53 -21.41 19.02
C ALA B 45 15.99 -20.68 20.27
N ASN B 46 16.84 -20.40 21.25
CA ASN B 46 16.34 -19.68 22.42
C ASN B 46 16.00 -18.21 22.14
N THR B 47 16.84 -17.49 21.39
CA THR B 47 16.43 -16.12 21.09
C THR B 47 15.00 -16.25 20.61
N ILE B 48 14.73 -17.27 19.81
CA ILE B 48 13.39 -17.46 19.33
C ILE B 48 12.44 -17.77 20.47
N LYS B 49 12.67 -18.83 21.24
CA LYS B 49 11.75 -19.13 22.33
C LYS B 49 11.64 -17.93 23.28
N ASN B 50 12.31 -16.82 22.95
CA ASN B 50 12.30 -15.64 23.83
C ASN B 50 11.63 -14.43 23.24
N ILE B 51 10.89 -14.61 22.15
CA ILE B 51 10.23 -13.54 21.40
C ILE B 51 8.75 -13.65 21.69
N LYS B 52 8.18 -12.67 22.41
CA LYS B 52 6.80 -12.84 22.87
C LYS B 52 5.77 -12.83 21.72
N ASP B 53 6.04 -12.03 20.69
CA ASP B 53 5.14 -11.94 19.53
C ASP B 53 5.45 -13.07 18.57
N LYS B 54 4.74 -14.19 18.71
CA LYS B 54 5.02 -15.40 17.92
C LYS B 54 4.81 -15.27 16.42
N ALA B 55 4.47 -14.09 15.95
CA ALA B 55 4.24 -13.89 14.54
C ALA B 55 5.46 -13.29 13.83
N VAL B 56 6.49 -12.93 14.59
CA VAL B 56 7.55 -12.17 14.02
C VAL B 56 8.30 -13.20 13.26
N ILE B 57 8.61 -14.28 13.97
CA ILE B 57 9.22 -15.42 13.31
C ILE B 57 8.30 -16.06 12.33
N ASP B 58 7.10 -16.37 12.75
CA ASP B 58 6.21 -17.13 11.91
C ASP B 58 6.25 -16.60 10.50
N GLU B 59 6.03 -15.29 10.38
CA GLU B 59 6.03 -14.61 9.11
C GLU B 59 7.33 -14.75 8.28
N ILE B 60 8.47 -14.64 8.97
CA ILE B 60 9.74 -14.75 8.39
C ILE B 60 9.77 -16.18 7.91
N PHE B 61 9.32 -17.11 8.73
CA PHE B 61 9.42 -18.50 8.30
C PHE B 61 8.53 -18.81 7.05
N GLN B 62 7.32 -18.25 7.06
CA GLN B 62 6.48 -18.23 5.90
C GLN B 62 7.25 -17.69 4.70
N GLY B 63 7.97 -16.59 4.87
CA GLY B 63 8.64 -15.95 3.73
C GLY B 63 9.63 -16.94 3.19
N LEU B 64 10.40 -17.53 4.10
CA LEU B 64 11.39 -18.49 3.76
C LEU B 64 10.77 -19.74 3.13
N ASP B 65 9.66 -20.28 3.62
CA ASP B 65 9.04 -21.39 2.91
C ASP B 65 8.58 -20.94 1.57
N ALA B 66 7.96 -19.78 1.52
CA ALA B 66 7.28 -19.40 0.30
C ALA B 66 8.27 -19.28 -0.85
N ASN B 67 9.55 -19.03 -0.54
CA ASN B 67 10.64 -19.12 -1.52
C ASN B 67 11.94 -19.84 -1.03
N GLN B 68 11.75 -20.99 -0.39
CA GLN B 68 12.89 -21.84 0.00
C GLN B 68 14.10 -22.07 -0.96
N ASP B 69 13.91 -21.84 -2.28
CA ASP B 69 14.98 -22.06 -3.30
C ASP B 69 15.89 -20.88 -3.51
N GLU B 70 15.44 -19.72 -3.07
CA GLU B 70 16.14 -18.52 -3.32
C GLU B 70 17.38 -18.44 -2.40
N GLN B 71 18.42 -17.83 -2.97
CA GLN B 71 19.75 -17.88 -2.43
C GLN B 71 19.97 -16.60 -1.69
N VAL B 72 20.39 -16.69 -0.46
CA VAL B 72 20.66 -15.47 0.26
C VAL B 72 22.09 -15.47 0.86
N ASP B 73 22.71 -14.28 0.98
CA ASP B 73 24.06 -14.20 1.45
C ASP B 73 24.07 -13.86 2.94
N PHE B 74 25.27 -13.55 3.45
CA PHE B 74 25.45 -13.11 4.81
C PHE B 74 24.58 -11.90 5.19
N GLN B 75 24.37 -10.99 4.26
CA GLN B 75 23.64 -9.80 4.61
C GLN B 75 22.22 -10.18 5.00
N GLU B 76 21.59 -11.06 4.20
CA GLU B 76 20.19 -11.45 4.41
C GLU B 76 20.15 -12.03 5.77
N PHE B 77 20.94 -13.09 5.94
CA PHE B 77 21.04 -13.75 7.21
C PHE B 77 21.07 -12.70 8.33
N ILE B 78 22.07 -11.84 8.28
CA ILE B 78 22.37 -11.10 9.45
C ILE B 78 21.22 -10.20 9.82
N SER B 79 20.55 -9.72 8.78
CA SER B 79 19.54 -8.73 9.04
C SER B 79 18.25 -9.41 9.46
N LEU B 80 18.15 -10.69 9.17
CA LEU B 80 17.04 -11.44 9.71
C LEU B 80 17.24 -11.66 11.20
N VAL B 81 18.47 -12.07 11.55
CA VAL B 81 18.97 -12.15 12.94
C VAL B 81 18.64 -10.86 13.67
N ALA B 82 18.96 -9.74 13.06
CA ALA B 82 18.76 -8.53 13.78
C ALA B 82 17.31 -8.50 14.19
N ILE B 83 16.39 -8.97 13.33
CA ILE B 83 14.97 -8.82 13.64
C ILE B 83 14.71 -9.69 14.85
N ALA B 84 14.89 -11.00 14.75
CA ALA B 84 14.78 -11.87 15.91
C ALA B 84 15.35 -11.29 17.19
N LEU B 85 16.60 -10.83 17.20
CA LEU B 85 17.16 -10.23 18.43
C LEU B 85 16.25 -9.17 19.00
N LYS B 86 15.87 -8.21 18.14
CA LYS B 86 14.96 -7.11 18.56
C LYS B 86 13.66 -7.58 19.13
N ALA B 87 13.03 -8.55 18.49
CA ALA B 87 11.80 -9.09 18.99
C ALA B 87 11.97 -9.77 20.35
N ALA B 88 13.13 -10.38 20.58
CA ALA B 88 13.42 -10.95 21.89
C ALA B 88 14.05 -9.96 22.91
N HIS B 89 13.89 -8.65 22.66
CA HIS B 89 14.58 -7.61 23.41
C HIS B 89 15.95 -8.10 23.80
N TYR B 90 16.58 -8.84 22.92
CA TYR B 90 17.97 -9.16 23.17
C TYR B 90 18.22 -10.25 24.23
N HIS B 91 17.23 -11.12 24.45
CA HIS B 91 17.42 -12.27 25.34
C HIS B 91 17.92 -13.43 24.51
N THR B 92 19.14 -13.85 24.80
CA THR B 92 19.76 -14.87 23.99
C THR B 92 20.27 -16.00 24.92
N HIS B 93 19.53 -16.25 26.00
CA HIS B 93 19.78 -17.41 26.86
C HIS B 93 18.44 -18.13 27.13
N LYS B 94 18.49 -19.46 27.25
CA LYS B 94 17.37 -20.30 27.72
C LYS B 94 16.70 -19.83 29.02
N GLY C 3 2.20 6.07 18.54
CA GLY C 3 1.64 7.46 18.52
C GLY C 3 1.85 8.09 17.14
N SER C 4 0.91 7.85 16.20
CA SER C 4 0.91 8.54 14.88
C SER C 4 -0.29 8.23 13.97
N THR C 5 -0.34 8.86 12.81
CA THR C 5 -1.50 8.79 11.94
C THR C 5 -1.63 7.44 11.23
N LYS C 6 -2.86 7.08 10.84
CA LYS C 6 -3.10 5.84 10.14
C LYS C 6 -2.30 5.79 8.82
N LEU C 7 -2.26 6.92 8.09
CA LEU C 7 -1.33 7.08 6.95
C LEU C 7 0.14 6.99 7.35
N GLU C 8 0.51 7.64 8.45
CA GLU C 8 1.89 7.62 8.84
C GLU C 8 2.22 6.18 9.10
N GLU C 9 1.31 5.45 9.74
CA GLU C 9 1.57 4.04 10.00
C GLU C 9 1.86 3.25 8.72
N HIS C 10 0.87 3.17 7.85
CA HIS C 10 1.07 2.51 6.57
C HIS C 10 2.43 2.80 5.88
N LEU C 11 2.95 4.03 6.04
CA LEU C 11 4.21 4.42 5.35
C LEU C 11 5.44 3.83 6.04
N GLU C 12 5.45 3.87 7.37
CA GLU C 12 6.50 3.20 8.08
C GLU C 12 6.54 1.85 7.41
N GLY C 13 5.61 0.96 7.70
CA GLY C 13 5.43 -0.28 6.92
C GLY C 13 6.11 -0.37 5.55
N ILE C 14 5.77 0.53 4.61
CA ILE C 14 6.42 0.53 3.32
C ILE C 14 7.86 0.98 3.39
N VAL C 15 8.20 2.02 4.10
CA VAL C 15 9.62 2.28 4.28
C VAL C 15 10.34 1.02 4.76
N ASN C 16 9.75 0.33 5.75
CA ASN C 16 10.33 -0.92 6.26
C ASN C 16 10.61 -2.06 5.24
N ILE C 17 9.70 -2.26 4.26
CA ILE C 17 9.87 -3.36 3.35
C ILE C 17 11.07 -3.07 2.47
N PHE C 18 11.07 -1.89 1.88
CA PHE C 18 12.26 -1.39 1.24
C PHE C 18 13.58 -1.46 2.03
N HIS C 19 13.65 -0.85 3.23
CA HIS C 19 14.92 -0.85 3.95
C HIS C 19 15.33 -2.29 4.15
N GLN C 20 14.37 -3.18 4.37
CA GLN C 20 14.71 -4.57 4.54
C GLN C 20 15.19 -5.25 3.21
N TYR C 21 14.45 -5.09 2.12
CA TYR C 21 14.99 -5.42 0.85
C TYR C 21 16.35 -4.78 0.62
N SER C 22 16.49 -3.50 0.95
CA SER C 22 17.70 -2.83 0.51
C SER C 22 18.87 -3.29 1.33
N VAL C 23 18.64 -3.35 2.63
CA VAL C 23 19.67 -3.74 3.59
C VAL C 23 20.04 -5.21 3.38
N ARG C 24 19.03 -6.06 3.18
CA ARG C 24 19.26 -7.47 2.82
C ARG C 24 20.17 -7.71 1.62
N LYS C 25 20.34 -6.70 0.74
CA LYS C 25 21.28 -6.82 -0.41
C LYS C 25 22.51 -5.90 -0.28
N GLY C 26 22.71 -5.36 0.92
CA GLY C 26 24.00 -4.79 1.24
C GLY C 26 24.10 -3.28 1.11
N HIS C 27 22.94 -2.63 1.09
CA HIS C 27 22.89 -1.17 1.13
C HIS C 27 21.83 -0.75 2.12
N PHE C 28 22.05 0.41 2.71
CA PHE C 28 21.17 0.95 3.72
C PHE C 28 20.05 1.66 3.01
N ASP C 29 20.37 2.61 2.14
CA ASP C 29 19.34 3.48 1.54
C ASP C 29 19.12 3.34 0.06
N THR C 30 19.30 2.14 -0.50
CA THR C 30 19.12 1.94 -1.93
C THR C 30 19.08 0.46 -2.26
N LEU C 31 18.26 0.08 -3.24
CA LEU C 31 18.46 -1.23 -3.85
C LEU C 31 18.63 -1.09 -5.33
N SER C 32 19.38 -2.03 -5.89
CA SER C 32 19.66 -2.10 -7.31
C SER C 32 18.38 -2.30 -8.11
N LYS C 33 18.21 -1.51 -9.18
CA LYS C 33 17.13 -1.76 -10.11
C LYS C 33 16.89 -3.29 -10.31
N GLY C 34 17.96 -4.07 -10.42
CA GLY C 34 17.87 -5.53 -10.54
C GLY C 34 17.10 -6.21 -9.42
N GLU C 35 17.57 -5.96 -8.19
CA GLU C 35 16.89 -6.46 -7.01
C GLU C 35 15.51 -5.82 -6.86
N LEU C 36 15.42 -4.53 -7.16
CA LEU C 36 14.13 -3.84 -7.30
C LEU C 36 13.14 -4.58 -8.25
N LYS C 37 13.63 -4.99 -9.43
CA LYS C 37 12.80 -5.75 -10.33
C LYS C 37 12.24 -6.92 -9.56
N GLN C 38 13.10 -7.75 -8.94
CA GLN C 38 12.58 -8.94 -8.24
C GLN C 38 11.70 -8.66 -7.01
N LEU C 39 11.79 -7.45 -6.45
CA LEU C 39 10.92 -7.17 -5.30
C LEU C 39 9.53 -6.71 -5.81
N LEU C 40 9.59 -5.84 -6.82
CA LEU C 40 8.43 -5.32 -7.49
C LEU C 40 7.55 -6.45 -7.94
N THR C 41 8.14 -7.59 -8.27
CA THR C 41 7.34 -8.67 -8.80
C THR C 41 6.80 -9.63 -7.77
N LYS C 42 7.55 -9.98 -6.75
CA LYS C 42 6.99 -10.76 -5.63
C LYS C 42 6.03 -9.88 -4.82
N GLU C 43 6.50 -8.69 -4.44
CA GLU C 43 5.72 -7.93 -3.47
C GLU C 43 4.45 -7.24 -4.08
N LEU C 44 4.40 -7.05 -5.40
CA LEU C 44 3.18 -6.59 -6.05
C LEU C 44 2.54 -7.63 -7.00
N ALA C 45 3.08 -8.83 -7.09
CA ALA C 45 2.40 -9.84 -7.89
C ALA C 45 0.95 -9.41 -8.24
N ASN C 46 0.04 -9.57 -7.27
CA ASN C 46 -1.42 -9.41 -7.52
C ASN C 46 -1.75 -8.11 -8.26
N THR C 47 -1.20 -7.00 -7.75
CA THR C 47 -1.37 -5.72 -8.38
C THR C 47 -0.99 -5.79 -9.86
N ILE C 48 0.21 -6.32 -10.14
CA ILE C 48 0.67 -6.48 -11.52
C ILE C 48 -0.27 -7.42 -12.35
N LYS C 49 -0.71 -8.51 -11.75
CA LYS C 49 -1.76 -9.32 -12.35
C LYS C 49 -2.94 -8.39 -12.73
N ASN C 50 -3.30 -7.52 -11.79
CA ASN C 50 -4.40 -6.57 -12.00
C ASN C 50 -4.27 -5.57 -13.16
N ILE C 51 -3.08 -5.47 -13.77
CA ILE C 51 -2.90 -4.51 -14.86
C ILE C 51 -3.35 -5.04 -16.23
N LYS C 52 -4.13 -4.22 -16.92
CA LYS C 52 -4.61 -4.53 -18.25
C LYS C 52 -3.58 -4.21 -19.37
N ASP C 53 -3.15 -2.95 -19.49
CA ASP C 53 -2.12 -2.59 -20.47
C ASP C 53 -0.73 -3.08 -20.09
N LYS C 54 -0.52 -4.37 -20.28
CA LYS C 54 0.75 -5.01 -19.93
C LYS C 54 2.01 -4.30 -20.49
N ALA C 55 1.81 -3.19 -21.22
CA ALA C 55 2.93 -2.39 -21.74
C ALA C 55 3.55 -1.58 -20.64
N VAL C 56 2.74 -1.28 -19.65
CA VAL C 56 3.08 -0.28 -18.65
C VAL C 56 4.24 -0.69 -17.73
N ILE C 57 4.15 -1.93 -17.23
CA ILE C 57 5.19 -2.43 -16.37
C ILE C 57 6.30 -3.11 -17.20
N ASP C 58 6.07 -3.17 -18.51
CA ASP C 58 7.07 -3.59 -19.50
C ASP C 58 8.13 -2.52 -19.70
N GLU C 59 7.67 -1.27 -19.84
CA GLU C 59 8.54 -0.08 -19.91
C GLU C 59 9.29 0.22 -18.60
N ILE C 60 8.66 -0.11 -17.48
CA ILE C 60 9.31 0.01 -16.18
C ILE C 60 10.36 -1.08 -16.08
N PHE C 61 10.00 -2.27 -16.59
CA PHE C 61 10.89 -3.42 -16.49
C PHE C 61 12.07 -3.28 -17.40
N GLN C 62 11.84 -2.74 -18.60
CA GLN C 62 12.93 -2.57 -19.56
C GLN C 62 14.07 -1.78 -18.87
N GLY C 63 13.77 -0.57 -18.39
CA GLY C 63 14.76 0.33 -17.80
C GLY C 63 15.49 -0.26 -16.61
N LEU C 64 14.73 -0.85 -15.68
CA LEU C 64 15.31 -1.75 -14.68
C LEU C 64 16.32 -2.72 -15.34
N ASP C 65 15.82 -3.80 -15.96
CA ASP C 65 16.70 -4.80 -16.60
C ASP C 65 17.87 -4.09 -17.26
N ALA C 66 17.57 -3.03 -18.00
CA ALA C 66 18.61 -2.30 -18.70
C ALA C 66 19.79 -1.94 -17.79
N ASN C 67 19.54 -1.16 -16.74
CA ASN C 67 20.60 -0.67 -15.85
C ASN C 67 20.57 -1.37 -14.48
N GLN C 68 20.77 -2.68 -14.53
CA GLN C 68 20.32 -3.55 -13.45
C GLN C 68 21.20 -3.48 -12.20
N ASP C 69 22.43 -2.97 -12.37
CA ASP C 69 23.30 -2.80 -11.21
C ASP C 69 23.13 -1.42 -10.54
N GLU C 70 22.31 -0.56 -11.15
CA GLU C 70 22.17 0.81 -10.69
C GLU C 70 21.33 0.86 -9.43
N GLN C 71 21.86 1.56 -8.46
CA GLN C 71 21.29 1.70 -7.12
C GLN C 71 20.23 2.79 -7.05
N VAL C 72 19.04 2.43 -6.60
CA VAL C 72 18.00 3.47 -6.51
C VAL C 72 17.42 3.56 -5.12
N ASP C 73 17.04 4.78 -4.75
CA ASP C 73 16.41 5.09 -3.45
C ASP C 73 14.89 4.84 -3.35
N PHE C 74 14.32 5.06 -2.17
CA PHE C 74 12.90 5.00 -1.88
C PHE C 74 12.02 5.86 -2.79
N GLN C 75 12.19 7.19 -2.75
CA GLN C 75 11.55 8.05 -3.74
C GLN C 75 11.53 7.39 -5.11
N GLU C 76 12.70 7.09 -5.66
CA GLU C 76 12.69 6.40 -6.91
C GLU C 76 11.56 5.36 -6.75
N PHE C 77 11.72 4.43 -5.82
CA PHE C 77 10.84 3.26 -5.66
C PHE C 77 9.33 3.63 -5.57
N ILE C 78 9.04 4.66 -4.82
CA ILE C 78 7.69 5.09 -4.68
C ILE C 78 7.10 5.48 -6.08
N SER C 79 7.85 6.26 -6.88
CA SER C 79 7.34 6.67 -8.19
C SER C 79 6.94 5.47 -9.04
N LEU C 80 7.82 4.48 -9.02
CA LEU C 80 7.59 3.26 -9.76
C LEU C 80 6.40 2.54 -9.22
N VAL C 81 6.25 2.54 -7.91
CA VAL C 81 5.11 1.85 -7.34
C VAL C 81 3.80 2.57 -7.66
N ALA C 82 3.85 3.89 -7.60
CA ALA C 82 2.71 4.69 -7.95
C ALA C 82 2.27 4.29 -9.35
N ILE C 83 3.16 4.40 -10.34
CA ILE C 83 2.80 4.08 -11.71
C ILE C 83 2.13 2.70 -11.82
N ALA C 84 2.66 1.68 -11.16
CA ALA C 84 1.98 0.37 -11.15
C ALA C 84 0.53 0.45 -10.65
N LEU C 85 0.32 1.12 -9.51
CA LEU C 85 -0.99 1.26 -8.91
C LEU C 85 -1.93 1.89 -9.89
N LYS C 86 -1.49 2.98 -10.49
CA LYS C 86 -2.31 3.64 -11.49
C LYS C 86 -2.71 2.65 -12.61
N ALA C 87 -1.75 1.93 -13.15
CA ALA C 87 -2.06 0.97 -14.21
C ALA C 87 -2.95 -0.19 -13.75
N ALA C 88 -3.04 -0.43 -12.45
CA ALA C 88 -3.82 -1.55 -11.95
C ALA C 88 -5.20 -1.06 -11.50
N HIS C 89 -5.42 0.22 -11.77
CA HIS C 89 -6.43 1.02 -11.07
C HIS C 89 -6.59 0.80 -9.56
N TYR C 90 -5.48 0.74 -8.85
CA TYR C 90 -5.47 0.84 -7.39
C TYR C 90 -6.13 -0.33 -6.69
N HIS C 91 -6.21 -1.46 -7.40
CA HIS C 91 -6.53 -2.72 -6.75
C HIS C 91 -5.28 -3.55 -6.49
N THR C 92 -5.17 -4.12 -5.29
CA THR C 92 -3.96 -4.81 -4.82
C THR C 92 -4.21 -6.22 -4.28
N THR D 5 -0.75 -9.28 -0.55
CA THR D 5 0.44 -9.42 0.36
C THR D 5 0.43 -8.58 1.63
N LYS D 6 1.30 -7.55 1.62
CA LYS D 6 1.67 -6.72 2.78
C LYS D 6 1.98 -5.28 2.34
N LEU D 7 2.99 -5.14 1.49
CA LEU D 7 3.14 -3.95 0.71
C LEU D 7 1.78 -3.58 0.13
N GLU D 8 1.24 -4.50 -0.65
CA GLU D 8 -0.13 -4.35 -1.14
C GLU D 8 -1.12 -3.86 -0.05
N GLU D 9 -1.11 -4.55 1.08
CA GLU D 9 -1.94 -4.22 2.17
C GLU D 9 -1.74 -2.78 2.55
N HIS D 10 -0.49 -2.36 2.76
CA HIS D 10 -0.24 -0.98 3.13
C HIS D 10 -0.65 0.04 2.08
N LEU D 11 -0.42 -0.25 0.80
CA LEU D 11 -0.92 0.62 -0.27
C LEU D 11 -2.42 0.59 -0.34
N GLU D 12 -3.00 -0.54 -0.01
CA GLU D 12 -4.41 -0.57 0.06
C GLU D 12 -4.84 0.53 1.04
N GLY D 13 -4.14 0.63 2.18
CA GLY D 13 -4.51 1.56 3.26
C GLY D 13 -4.48 3.01 2.85
N ILE D 14 -3.33 3.39 2.28
CA ILE D 14 -3.09 4.71 1.73
C ILE D 14 -4.16 5.09 0.69
N VAL D 15 -4.52 4.14 -0.15
CA VAL D 15 -5.52 4.41 -1.14
C VAL D 15 -6.82 4.84 -0.46
N ASN D 16 -7.31 4.03 0.48
CA ASN D 16 -8.42 4.48 1.28
C ASN D 16 -8.26 5.93 1.80
N ILE D 17 -7.18 6.22 2.47
CA ILE D 17 -7.09 7.52 3.04
C ILE D 17 -7.24 8.56 1.94
N PHE D 18 -6.50 8.39 0.85
CA PHE D 18 -6.51 9.41 -0.19
C PHE D 18 -7.93 9.52 -0.67
N HIS D 19 -8.65 8.43 -0.60
CA HIS D 19 -10.02 8.53 -1.07
C HIS D 19 -10.96 9.21 -0.16
N GLN D 20 -10.65 9.24 1.14
CA GLN D 20 -11.54 9.90 2.11
C GLN D 20 -11.54 11.39 1.86
N TYR D 21 -10.49 11.85 1.20
CA TYR D 21 -10.36 13.24 0.95
C TYR D 21 -10.97 13.54 -0.37
N SER D 22 -10.77 12.62 -1.31
CA SER D 22 -11.11 12.86 -2.72
C SER D 22 -12.57 12.66 -2.97
N VAL D 23 -13.27 12.08 -1.99
CA VAL D 23 -14.70 11.85 -2.09
C VAL D 23 -15.46 13.10 -1.71
N ARG D 24 -14.85 13.96 -0.91
CA ARG D 24 -15.50 15.15 -0.36
C ARG D 24 -16.14 16.03 -1.44
N LYS D 25 -15.70 15.84 -2.69
CA LYS D 25 -16.14 16.62 -3.87
C LYS D 25 -15.87 15.83 -5.17
N PHE D 28 -13.27 12.49 -8.02
CA PHE D 28 -13.20 11.36 -7.08
C PHE D 28 -11.86 10.64 -6.98
N ASP D 29 -11.16 10.51 -8.09
CA ASP D 29 -9.82 9.99 -8.01
C ASP D 29 -8.81 11.16 -8.06
N THR D 30 -9.36 12.38 -7.99
CA THR D 30 -8.59 13.60 -7.76
C THR D 30 -9.05 14.43 -6.54
N LEU D 31 -8.14 15.27 -6.03
CA LEU D 31 -8.53 16.35 -5.11
C LEU D 31 -7.70 17.63 -5.34
N SER D 32 -8.35 18.76 -5.10
CA SER D 32 -7.76 20.09 -5.23
C SER D 32 -6.48 20.30 -4.42
N LYS D 33 -5.59 21.17 -4.90
CA LYS D 33 -4.29 21.33 -4.23
C LYS D 33 -4.51 21.79 -2.79
N GLY D 34 -5.46 22.70 -2.60
CA GLY D 34 -5.83 23.23 -1.28
C GLY D 34 -6.24 22.09 -0.39
N GLU D 35 -6.89 21.12 -1.00
CA GLU D 35 -7.34 19.98 -0.23
C GLU D 35 -6.16 19.09 0.11
N LEU D 36 -5.22 18.91 -0.82
CA LEU D 36 -4.02 18.18 -0.47
C LEU D 36 -3.20 18.95 0.58
N LYS D 37 -3.00 20.27 0.45
CA LYS D 37 -2.38 21.00 1.58
C LYS D 37 -3.09 20.59 2.86
N GLN D 38 -4.41 20.65 2.86
CA GLN D 38 -5.17 20.17 4.02
C GLN D 38 -4.77 18.75 4.39
N LEU D 39 -4.82 17.85 3.41
CA LEU D 39 -4.52 16.44 3.63
C LEU D 39 -3.22 16.28 4.37
N LEU D 40 -2.19 16.92 3.86
CA LEU D 40 -0.88 16.68 4.38
C LEU D 40 -0.81 17.06 5.83
N THR D 41 -1.54 18.13 6.17
CA THR D 41 -1.57 18.70 7.54
C THR D 41 -2.14 17.73 8.57
N LYS D 42 -3.39 17.28 8.38
CA LYS D 42 -4.00 16.33 9.33
C LYS D 42 -3.41 14.93 9.17
N GLU D 43 -2.69 14.66 8.11
CA GLU D 43 -2.27 13.28 8.04
C GLU D 43 -0.77 13.01 8.06
N LEU D 44 0.04 14.05 7.90
CA LEU D 44 1.50 13.90 8.07
C LEU D 44 2.12 14.58 9.31
N ALA D 45 1.33 15.45 9.92
CA ALA D 45 1.69 16.25 11.12
C ALA D 45 2.99 15.88 11.81
N ASN D 46 3.11 14.62 12.23
CA ASN D 46 4.30 14.15 12.91
C ASN D 46 5.54 14.26 12.01
N THR D 47 5.55 13.52 10.90
CA THR D 47 6.60 13.64 9.88
C THR D 47 6.97 15.11 9.64
N ILE D 48 5.93 15.94 9.53
CA ILE D 48 6.08 17.32 9.22
C ILE D 48 6.83 18.01 10.34
N LYS D 49 6.48 17.73 11.59
CA LYS D 49 7.20 18.34 12.73
C LYS D 49 8.65 17.86 12.83
N ASN D 50 8.90 16.70 12.22
CA ASN D 50 10.19 16.03 12.22
C ASN D 50 11.18 16.43 11.11
N ILE D 51 10.64 16.99 10.02
CA ILE D 51 11.44 17.59 8.96
C ILE D 51 12.11 18.75 9.65
N LYS D 52 13.42 18.66 9.88
CA LYS D 52 14.12 19.70 10.64
C LYS D 52 14.33 20.97 9.81
N ASP D 53 14.62 20.79 8.52
CA ASP D 53 14.70 21.89 7.57
C ASP D 53 13.27 22.39 7.28
N LYS D 54 12.79 23.33 8.10
CA LYS D 54 11.42 23.80 7.97
C LYS D 54 11.12 24.46 6.61
N ALA D 55 12.18 24.67 5.80
CA ALA D 55 12.03 25.34 4.52
C ALA D 55 12.03 24.40 3.31
N VAL D 56 11.32 23.27 3.46
CA VAL D 56 11.19 22.23 2.43
C VAL D 56 9.71 21.91 2.23
N ILE D 57 8.98 21.71 3.32
CA ILE D 57 7.53 21.81 3.26
C ILE D 57 7.22 23.29 3.32
N ASP D 58 8.19 24.11 3.72
CA ASP D 58 7.96 25.53 3.54
C ASP D 58 7.69 25.74 2.07
N GLU D 59 8.61 25.29 1.22
CA GLU D 59 8.41 25.39 -0.22
C GLU D 59 7.14 24.67 -0.71
N ILE D 60 6.96 23.40 -0.33
CA ILE D 60 5.89 22.58 -0.99
C ILE D 60 4.53 23.13 -0.65
N PHE D 61 4.41 23.63 0.58
CA PHE D 61 3.16 24.13 1.14
C PHE D 61 2.63 25.39 0.52
N GLN D 62 3.48 26.39 0.37
CA GLN D 62 3.09 27.65 -0.31
C GLN D 62 2.77 27.30 -1.76
N GLY D 63 3.56 26.33 -2.28
CA GLY D 63 3.41 25.81 -3.62
C GLY D 63 1.98 25.45 -3.89
N LEU D 64 1.45 24.56 -3.06
CA LEU D 64 0.03 24.25 -3.08
C LEU D 64 -0.90 25.51 -3.12
N ASP D 65 -1.27 26.09 -1.98
CA ASP D 65 -2.32 27.14 -1.95
C ASP D 65 -2.22 28.17 -3.06
N ALA D 66 -0.99 28.50 -3.41
CA ALA D 66 -0.64 29.37 -4.55
C ALA D 66 -1.36 29.11 -5.88
N ASN D 67 -1.82 27.87 -6.11
CA ASN D 67 -2.78 27.58 -7.18
C ASN D 67 -3.64 26.41 -6.73
N GLN D 68 -4.57 26.67 -5.80
CA GLN D 68 -5.22 25.60 -4.98
C GLN D 68 -6.35 24.85 -5.68
N ASP D 69 -7.01 25.49 -6.64
CA ASP D 69 -8.05 24.81 -7.45
C ASP D 69 -7.50 23.77 -8.48
N GLU D 70 -6.18 23.63 -8.56
CA GLU D 70 -5.57 22.58 -9.37
C GLU D 70 -5.91 21.21 -8.75
N GLN D 71 -6.49 20.34 -9.58
CA GLN D 71 -6.88 18.98 -9.16
C GLN D 71 -5.71 18.00 -9.19
N VAL D 72 -5.55 17.20 -8.14
CA VAL D 72 -4.38 16.34 -8.12
C VAL D 72 -4.77 14.94 -7.80
N ASP D 73 -3.93 14.00 -8.24
CA ASP D 73 -4.21 12.59 -8.12
C ASP D 73 -3.16 11.90 -7.27
N PHE D 74 -3.45 10.63 -7.02
CA PHE D 74 -2.57 9.77 -6.30
C PHE D 74 -1.11 9.84 -6.73
N GLN D 75 -0.82 9.78 -8.05
CA GLN D 75 0.57 9.89 -8.49
C GLN D 75 1.19 11.12 -7.93
N GLU D 76 0.63 12.28 -8.22
CA GLU D 76 1.19 13.52 -7.68
C GLU D 76 1.10 13.58 -6.13
N PHE D 77 0.06 13.00 -5.53
CA PHE D 77 -0.02 13.00 -4.04
C PHE D 77 1.22 12.31 -3.46
N ILE D 78 1.46 11.12 -3.99
CA ILE D 78 2.49 10.24 -3.52
C ILE D 78 3.84 10.94 -3.70
N SER D 79 3.93 11.74 -4.78
CA SER D 79 5.16 12.44 -5.13
C SER D 79 5.59 13.25 -3.92
N LEU D 80 4.64 14.03 -3.39
CA LEU D 80 4.90 14.92 -2.27
C LEU D 80 5.17 14.15 -1.01
N VAL D 81 4.39 13.11 -0.75
CA VAL D 81 4.56 12.35 0.48
C VAL D 81 5.99 11.83 0.56
N ALA D 82 6.44 11.26 -0.56
CA ALA D 82 7.85 10.94 -0.80
C ALA D 82 8.87 12.02 -0.41
N ILE D 83 8.59 13.29 -0.76
CA ILE D 83 9.47 14.37 -0.34
C ILE D 83 9.31 14.56 1.13
N ALA D 84 8.08 14.71 1.60
CA ALA D 84 7.91 14.91 3.01
C ALA D 84 8.79 13.88 3.69
N LEU D 85 8.70 12.61 3.28
CA LEU D 85 9.41 11.52 3.98
C LEU D 85 10.94 11.59 3.98
N LYS D 86 11.49 11.90 2.79
CA LYS D 86 12.92 12.18 2.68
C LYS D 86 13.26 13.23 3.69
N ALA D 87 12.76 14.45 3.48
CA ALA D 87 13.03 15.59 4.36
C ALA D 87 12.86 15.32 5.85
N ALA D 88 12.14 14.27 6.24
CA ALA D 88 12.05 13.97 7.68
C ALA D 88 12.91 12.80 8.09
N HIS D 89 13.80 12.39 7.19
CA HIS D 89 14.76 11.34 7.45
C HIS D 89 14.01 10.04 7.84
N TYR D 90 12.82 9.86 7.28
CA TYR D 90 11.95 8.68 7.47
C TYR D 90 11.33 8.52 8.83
N HIS D 91 11.08 9.66 9.47
CA HIS D 91 10.68 9.70 10.87
C HIS D 91 9.20 10.00 11.05
N THR D 92 8.38 8.97 10.95
CA THR D 92 6.90 9.09 10.95
C THR D 92 6.16 9.20 12.31
N HIS D 93 6.84 9.02 13.45
CA HIS D 93 6.04 9.05 14.69
C HIS D 93 6.32 10.16 15.69
N LYS D 94 5.81 10.01 16.91
CA LYS D 94 5.88 11.03 17.98
C LYS D 94 7.14 10.89 18.82
N SER E 4 -22.92 18.20 -18.19
CA SER E 4 -23.56 16.84 -17.89
C SER E 4 -25.09 16.88 -17.93
N THR E 5 -25.70 15.70 -18.04
CA THR E 5 -27.14 15.64 -18.21
C THR E 5 -27.75 15.47 -16.85
N LYS E 6 -29.05 15.59 -16.80
CA LYS E 6 -29.72 15.49 -15.52
C LYS E 6 -29.63 14.06 -14.97
N LEU E 7 -29.71 13.05 -15.83
CA LEU E 7 -29.45 11.66 -15.43
C LEU E 7 -28.02 11.49 -14.96
N GLU E 8 -27.12 12.09 -15.72
CA GLU E 8 -25.75 12.14 -15.24
C GLU E 8 -25.61 12.74 -13.85
N GLU E 9 -26.18 13.90 -13.54
CA GLU E 9 -25.93 14.50 -12.20
C GLU E 9 -26.40 13.61 -11.06
N HIS E 10 -27.61 13.09 -11.26
CA HIS E 10 -28.25 12.11 -10.39
C HIS E 10 -27.35 10.88 -10.15
N LEU E 11 -26.90 10.23 -11.23
CA LEU E 11 -26.05 9.06 -11.10
C LEU E 11 -24.80 9.41 -10.32
N GLU E 12 -24.16 10.55 -10.65
CA GLU E 12 -22.99 11.04 -9.92
C GLU E 12 -23.30 11.17 -8.43
N GLY E 13 -24.48 11.69 -8.08
CA GLY E 13 -24.86 11.78 -6.66
C GLY E 13 -24.92 10.41 -6.00
N ILE E 14 -25.61 9.47 -6.65
CA ILE E 14 -25.74 8.17 -6.05
C ILE E 14 -24.36 7.57 -5.85
N VAL E 15 -23.56 7.63 -6.91
CA VAL E 15 -22.21 7.15 -6.85
C VAL E 15 -21.46 7.79 -5.68
N ASN E 16 -21.45 9.13 -5.61
CA ASN E 16 -20.79 9.75 -4.48
C ASN E 16 -21.31 9.21 -3.16
N ILE E 17 -22.61 8.89 -3.10
CA ILE E 17 -23.16 8.43 -1.84
C ILE E 17 -22.59 7.06 -1.54
N PHE E 18 -22.45 6.27 -2.60
CA PHE E 18 -21.85 4.98 -2.47
C PHE E 18 -20.39 5.08 -1.95
N HIS E 19 -19.68 6.02 -2.54
CA HIS E 19 -18.27 6.12 -2.31
C HIS E 19 -18.09 6.59 -0.90
N GLN E 20 -18.97 7.50 -0.49
CA GLN E 20 -19.06 7.92 0.92
C GLN E 20 -18.97 6.77 1.90
N TYR E 21 -19.55 5.63 1.56
CA TYR E 21 -19.60 4.49 2.41
C TYR E 21 -18.46 3.50 2.21
N SER E 22 -17.89 3.45 1.02
CA SER E 22 -17.10 2.31 0.61
C SER E 22 -15.70 2.56 1.06
N VAL E 23 -15.40 3.85 1.16
CA VAL E 23 -14.05 4.34 1.50
C VAL E 23 -13.66 4.14 2.95
N ARG E 24 -14.67 4.03 3.83
CA ARG E 24 -14.44 3.90 5.29
C ARG E 24 -13.47 2.76 5.66
N LYS E 25 -13.55 1.63 4.97
CA LYS E 25 -12.72 0.49 5.31
C LYS E 25 -12.53 -0.39 4.08
N GLY E 26 -11.72 -1.46 4.23
CA GLY E 26 -11.42 -2.40 3.15
C GLY E 26 -10.99 -1.70 1.87
N HIS E 27 -11.61 -2.07 0.75
CA HIS E 27 -11.23 -1.49 -0.54
C HIS E 27 -11.96 -0.16 -0.80
N PHE E 28 -11.31 0.69 -1.59
CA PHE E 28 -11.76 2.06 -1.78
C PHE E 28 -13.02 2.12 -2.64
N ASP E 29 -13.33 1.05 -3.35
CA ASP E 29 -14.49 1.08 -4.22
C ASP E 29 -15.54 0.00 -3.93
N THR E 30 -15.44 -0.66 -2.79
CA THR E 30 -16.50 -1.60 -2.41
C THR E 30 -16.81 -1.56 -0.94
N LEU E 31 -17.88 -2.23 -0.51
CA LEU E 31 -18.15 -2.42 0.93
C LEU E 31 -18.75 -3.75 1.27
N SER E 32 -18.62 -4.16 2.53
CA SER E 32 -19.19 -5.42 3.02
C SER E 32 -20.72 -5.36 2.99
N LYS E 33 -21.39 -6.48 2.70
CA LYS E 33 -22.87 -6.54 2.78
C LYS E 33 -23.30 -5.95 4.13
N GLY E 34 -22.60 -6.37 5.18
CA GLY E 34 -22.80 -5.77 6.49
C GLY E 34 -22.88 -4.25 6.47
N GLU E 35 -22.11 -3.62 5.60
CA GLU E 35 -22.17 -2.19 5.56
C GLU E 35 -23.31 -1.72 4.68
N LEU E 36 -23.73 -2.59 3.74
CA LEU E 36 -24.86 -2.28 2.86
C LEU E 36 -26.12 -2.26 3.71
N LYS E 37 -26.25 -3.23 4.60
CA LYS E 37 -27.36 -3.22 5.58
C LYS E 37 -27.44 -1.82 6.17
N GLN E 38 -26.35 -1.40 6.81
CA GLN E 38 -26.25 -0.03 7.34
C GLN E 38 -26.59 1.04 6.26
N LEU E 39 -25.95 0.95 5.09
CA LEU E 39 -26.19 1.90 3.99
C LEU E 39 -27.67 1.91 3.65
N LEU E 40 -28.20 0.78 3.26
CA LEU E 40 -29.58 0.76 2.92
C LEU E 40 -30.42 1.34 4.06
N THR E 41 -30.25 0.86 5.30
CA THR E 41 -31.20 1.22 6.36
C THR E 41 -31.33 2.72 6.53
N LYS E 42 -30.23 3.46 6.56
CA LYS E 42 -30.38 4.93 6.65
C LYS E 42 -30.93 5.45 5.34
N GLU E 43 -30.14 5.29 4.27
CA GLU E 43 -30.42 5.92 3.00
C GLU E 43 -31.74 5.53 2.31
N LEU E 44 -32.43 4.50 2.73
CA LEU E 44 -33.79 4.35 2.25
C LEU E 44 -34.73 4.26 3.45
N ALA E 45 -34.52 5.14 4.42
CA ALA E 45 -35.36 5.14 5.60
C ALA E 45 -36.81 5.22 5.11
N ASN E 46 -37.14 6.36 4.48
CA ASN E 46 -38.47 6.66 3.94
C ASN E 46 -38.96 5.63 2.94
N THR E 47 -38.15 5.38 1.92
CA THR E 47 -38.52 4.41 0.88
C THR E 47 -38.93 3.09 1.47
N ILE E 48 -38.05 2.49 2.27
CA ILE E 48 -38.35 1.26 2.99
C ILE E 48 -39.65 1.40 3.77
N LYS E 49 -39.85 2.53 4.44
CA LYS E 49 -41.14 2.79 5.11
C LYS E 49 -42.26 2.53 4.13
N ASN E 50 -42.15 3.17 2.97
CA ASN E 50 -43.15 3.05 1.93
C ASN E 50 -43.42 1.62 1.43
N ILE E 51 -42.58 0.65 1.84
CA ILE E 51 -42.89 -0.74 1.50
C ILE E 51 -43.98 -1.28 2.43
N LYS E 52 -45.04 -1.82 1.85
CA LYS E 52 -46.14 -2.44 2.60
C LYS E 52 -45.88 -3.90 3.01
N ASP E 53 -44.98 -4.58 2.30
CA ASP E 53 -44.62 -5.99 2.56
C ASP E 53 -43.31 -6.13 3.34
N LYS E 54 -43.44 -6.45 4.62
CA LYS E 54 -42.31 -6.51 5.54
C LYS E 54 -41.19 -7.43 5.05
N ALA E 55 -41.53 -8.70 4.81
CA ALA E 55 -40.52 -9.76 4.71
C ALA E 55 -39.68 -9.69 3.45
N VAL E 56 -40.10 -8.88 2.47
CA VAL E 56 -39.24 -8.63 1.31
C VAL E 56 -37.89 -8.06 1.76
N ILE E 57 -37.90 -6.81 2.24
CA ILE E 57 -36.72 -6.24 2.82
C ILE E 57 -36.21 -7.19 3.90
N ASP E 58 -37.13 -7.82 4.66
CA ASP E 58 -36.69 -8.75 5.70
C ASP E 58 -36.12 -10.07 5.17
N GLU E 59 -36.21 -10.29 3.86
CA GLU E 59 -35.50 -11.42 3.27
C GLU E 59 -34.12 -10.87 2.93
N ILE E 60 -34.07 -9.97 1.94
CA ILE E 60 -32.86 -9.26 1.52
C ILE E 60 -31.86 -9.11 2.66
N PHE E 61 -32.32 -8.35 3.67
CA PHE E 61 -31.66 -8.09 4.93
C PHE E 61 -31.30 -9.31 5.73
N GLN E 62 -32.00 -10.41 5.53
CA GLN E 62 -31.54 -11.63 6.20
C GLN E 62 -30.25 -12.09 5.52
N GLY E 63 -30.28 -12.21 4.20
CA GLY E 63 -29.14 -12.72 3.46
C GLY E 63 -27.97 -11.77 3.56
N LEU E 64 -28.24 -10.58 4.06
CA LEU E 64 -27.22 -9.58 4.20
C LEU E 64 -26.44 -9.78 5.49
N ASP E 65 -27.16 -9.93 6.58
CA ASP E 65 -26.59 -10.14 7.90
C ASP E 65 -25.79 -11.44 7.89
N ALA E 66 -26.43 -12.51 7.43
CA ALA E 66 -25.85 -13.85 7.28
C ALA E 66 -24.71 -13.96 6.26
N ASN E 67 -24.04 -12.85 5.99
CA ASN E 67 -22.91 -12.74 5.09
C ASN E 67 -22.35 -11.33 5.17
N GLN E 68 -22.32 -10.77 6.39
CA GLN E 68 -21.85 -9.39 6.60
C GLN E 68 -20.41 -9.14 6.12
N ASP E 69 -19.82 -10.14 5.51
CA ASP E 69 -18.41 -10.09 5.24
C ASP E 69 -18.00 -9.97 3.75
N GLU E 70 -18.86 -10.43 2.83
CA GLU E 70 -18.48 -10.42 1.42
C GLU E 70 -18.55 -9.00 0.85
N GLN E 71 -17.58 -8.62 0.00
CA GLN E 71 -17.59 -7.26 -0.56
C GLN E 71 -18.63 -7.19 -1.67
N VAL E 72 -19.28 -6.05 -1.82
CA VAL E 72 -20.07 -5.87 -3.02
C VAL E 72 -19.68 -4.55 -3.60
N ASP E 73 -19.73 -4.45 -4.92
CA ASP E 73 -19.40 -3.24 -5.61
C ASP E 73 -20.72 -2.54 -5.97
N PHE E 74 -20.60 -1.43 -6.70
CA PHE E 74 -21.70 -0.52 -6.98
C PHE E 74 -22.89 -1.23 -7.56
N GLN E 75 -22.58 -2.17 -8.47
CA GLN E 75 -23.51 -2.79 -9.37
C GLN E 75 -24.49 -3.53 -8.52
N GLU E 76 -24.04 -4.29 -7.53
CA GLU E 76 -24.98 -5.08 -6.72
C GLU E 76 -25.80 -4.17 -5.88
N PHE E 77 -25.25 -3.00 -5.65
CA PHE E 77 -25.88 -2.03 -4.82
C PHE E 77 -27.03 -1.40 -5.59
N ILE E 78 -26.78 -1.01 -6.82
CA ILE E 78 -27.90 -0.51 -7.61
C ILE E 78 -28.87 -1.65 -7.92
N SER E 79 -28.38 -2.87 -7.84
CA SER E 79 -29.27 -3.94 -8.06
C SER E 79 -30.19 -3.93 -6.89
N LEU E 80 -29.63 -4.03 -5.68
CA LEU E 80 -30.46 -4.14 -4.46
C LEU E 80 -31.32 -2.91 -4.26
N VAL E 81 -30.75 -1.73 -4.51
CA VAL E 81 -31.53 -0.53 -4.34
C VAL E 81 -32.74 -0.61 -5.26
N ALA E 82 -32.51 -1.01 -6.49
CA ALA E 82 -33.60 -0.97 -7.41
C ALA E 82 -34.72 -1.91 -6.94
N ILE E 83 -34.34 -2.95 -6.20
CA ILE E 83 -35.26 -4.02 -5.86
C ILE E 83 -36.25 -3.49 -4.87
N ALA E 84 -35.76 -3.04 -3.72
CA ALA E 84 -36.59 -2.32 -2.76
C ALA E 84 -37.33 -1.11 -3.35
N LEU E 85 -36.73 -0.41 -4.32
CA LEU E 85 -37.43 0.72 -4.94
C LEU E 85 -38.71 0.25 -5.58
N LYS E 86 -38.69 -0.91 -6.24
CA LYS E 86 -39.95 -1.33 -6.78
C LYS E 86 -40.93 -1.80 -5.69
N ALA E 87 -40.49 -2.58 -4.71
CA ALA E 87 -41.41 -3.02 -3.62
C ALA E 87 -42.34 -1.89 -3.18
N ALA E 88 -41.78 -0.68 -3.09
CA ALA E 88 -42.45 0.52 -2.61
C ALA E 88 -43.16 1.25 -3.74
N HIS E 89 -43.73 0.51 -4.69
CA HIS E 89 -44.30 1.08 -5.91
C HIS E 89 -43.69 2.46 -6.14
N TYR E 90 -42.36 2.49 -6.14
CA TYR E 90 -41.58 3.69 -6.48
C TYR E 90 -41.76 4.98 -5.67
N HIS E 91 -42.57 4.98 -4.61
CA HIS E 91 -42.56 6.12 -3.68
C HIS E 91 -41.26 6.11 -2.87
N THR E 92 -40.46 7.17 -2.99
CA THR E 92 -39.38 7.45 -2.02
C THR E 92 -39.81 8.30 -0.82
N HIS E 93 -40.53 9.41 -1.05
CA HIS E 93 -40.85 10.40 0.02
C HIS E 93 -41.39 9.75 1.30
N SER F 4 -36.96 13.35 2.80
CA SER F 4 -36.31 12.30 1.91
C SER F 4 -34.82 12.29 2.15
N THR F 5 -34.25 11.10 2.30
CA THR F 5 -32.81 10.86 2.17
C THR F 5 -32.35 11.41 0.84
N LYS F 6 -31.14 11.94 0.76
CA LYS F 6 -30.60 12.45 -0.52
C LYS F 6 -30.47 11.36 -1.62
N LEU F 7 -30.07 10.14 -1.24
CA LEU F 7 -30.07 9.04 -2.22
C LEU F 7 -31.47 8.90 -2.79
N GLU F 8 -32.49 8.96 -1.90
CA GLU F 8 -33.90 8.89 -2.30
C GLU F 8 -34.35 9.96 -3.28
N GLU F 9 -33.80 11.16 -3.21
CA GLU F 9 -34.20 12.21 -4.19
C GLU F 9 -33.71 11.77 -5.58
N HIS F 10 -32.45 11.40 -5.59
CA HIS F 10 -31.83 11.01 -6.80
C HIS F 10 -32.62 9.91 -7.41
N LEU F 11 -32.97 8.90 -6.63
CA LEU F 11 -33.77 7.83 -7.18
C LEU F 11 -35.05 8.42 -7.87
N GLU F 12 -35.87 8.99 -7.01
CA GLU F 12 -36.98 9.81 -7.42
C GLU F 12 -36.66 10.53 -8.79
N GLY F 13 -35.61 11.35 -8.83
CA GLY F 13 -35.22 12.08 -10.05
C GLY F 13 -35.00 11.27 -11.33
N ILE F 14 -34.31 10.12 -11.17
CA ILE F 14 -34.09 9.20 -12.29
C ILE F 14 -35.42 8.57 -12.71
N VAL F 15 -36.26 8.24 -11.73
CA VAL F 15 -37.56 7.67 -12.04
C VAL F 15 -38.34 8.66 -12.88
N ASN F 16 -38.13 9.94 -12.64
CA ASN F 16 -38.91 10.91 -13.44
C ASN F 16 -38.40 10.96 -14.83
N ILE F 17 -37.08 10.85 -14.99
CA ILE F 17 -36.51 10.93 -16.34
C ILE F 17 -36.94 9.74 -17.14
N PHE F 18 -36.80 8.57 -16.57
CA PHE F 18 -37.47 7.38 -17.13
C PHE F 18 -38.84 7.69 -17.73
N HIS F 19 -39.71 8.22 -16.89
CA HIS F 19 -41.13 8.47 -17.24
C HIS F 19 -41.37 9.60 -18.22
N GLN F 20 -40.43 10.53 -18.33
CA GLN F 20 -40.61 11.59 -19.28
C GLN F 20 -40.35 11.01 -20.65
N TYR F 21 -39.49 9.98 -20.65
CA TYR F 21 -39.27 9.12 -21.80
C TYR F 21 -40.42 8.18 -22.07
N SER F 22 -40.80 7.38 -21.08
CA SER F 22 -41.92 6.45 -21.32
C SER F 22 -43.29 7.11 -21.63
N VAL F 23 -43.64 8.22 -20.98
CA VAL F 23 -44.93 8.87 -21.27
C VAL F 23 -45.13 9.14 -22.77
N ARG F 24 -44.00 9.31 -23.48
CA ARG F 24 -43.98 9.96 -24.80
C ARG F 24 -44.98 9.34 -25.74
N LYS F 25 -45.21 8.03 -25.56
CA LYS F 25 -46.01 7.22 -26.50
C LYS F 25 -46.21 5.77 -25.95
N GLY F 26 -47.42 5.46 -25.48
CA GLY F 26 -47.80 4.05 -25.19
C GLY F 26 -47.82 3.67 -23.73
N HIS F 27 -47.12 2.60 -23.34
CA HIS F 27 -47.11 2.28 -21.92
C HIS F 27 -46.21 3.21 -21.10
N PHE F 28 -46.79 3.67 -19.99
CA PHE F 28 -46.19 4.52 -18.99
C PHE F 28 -45.23 3.70 -18.15
N ASP F 29 -45.46 2.39 -18.00
CA ASP F 29 -44.59 1.57 -17.13
C ASP F 29 -43.23 1.33 -17.78
N THR F 30 -43.23 1.11 -19.09
CA THR F 30 -42.05 0.67 -19.81
C THR F 30 -41.68 1.47 -21.03
N LEU F 31 -40.66 1.02 -21.70
CA LEU F 31 -40.01 1.80 -22.73
C LEU F 31 -39.48 0.76 -23.71
N SER F 32 -39.91 0.78 -24.97
CA SER F 32 -39.30 -0.07 -26.04
C SER F 32 -37.77 0.05 -26.04
N LYS F 33 -37.08 -1.08 -26.24
CA LYS F 33 -35.63 -1.06 -26.32
C LYS F 33 -35.08 -0.01 -27.27
N GLY F 34 -35.67 0.11 -28.45
CA GLY F 34 -35.33 1.20 -29.36
C GLY F 34 -35.31 2.54 -28.63
N GLU F 35 -36.41 2.86 -27.96
CA GLU F 35 -36.44 4.08 -27.19
C GLU F 35 -35.33 4.07 -26.10
N LEU F 36 -35.10 2.93 -25.47
CA LEU F 36 -34.09 2.93 -24.45
C LEU F 36 -32.80 3.38 -25.11
N LYS F 37 -32.61 3.08 -26.40
CA LYS F 37 -31.31 3.30 -27.03
C LYS F 37 -31.15 4.79 -27.10
N GLN F 38 -32.20 5.45 -27.60
CA GLN F 38 -32.22 6.87 -27.83
C GLN F 38 -31.99 7.53 -26.51
N LEU F 39 -32.61 7.00 -25.46
CA LEU F 39 -32.40 7.52 -24.10
C LEU F 39 -30.95 7.48 -23.63
N LEU F 40 -30.30 6.30 -23.61
CA LEU F 40 -28.89 6.24 -23.11
C LEU F 40 -27.91 7.08 -23.96
N THR F 41 -28.08 7.04 -25.26
CA THR F 41 -27.33 7.90 -26.17
C THR F 41 -27.35 9.40 -25.77
N LYS F 42 -28.51 9.97 -25.48
CA LYS F 42 -28.60 11.39 -25.14
C LYS F 42 -28.25 11.61 -23.69
N GLU F 43 -28.94 10.96 -22.77
CA GLU F 43 -28.78 11.22 -21.36
C GLU F 43 -27.45 10.78 -20.73
N LEU F 44 -26.65 10.03 -21.47
CA LEU F 44 -25.39 9.48 -20.97
C LEU F 44 -24.40 9.76 -21.98
N ALA F 45 -24.63 10.84 -22.73
CA ALA F 45 -23.75 11.21 -23.85
C ALA F 45 -22.28 11.21 -23.47
N ASN F 46 -22.00 11.71 -22.26
CA ASN F 46 -20.63 11.96 -21.80
C ASN F 46 -20.03 10.75 -21.18
N THR F 47 -20.86 10.13 -20.34
CA THR F 47 -20.53 8.88 -19.69
C THR F 47 -20.04 7.98 -20.81
N ILE F 48 -20.86 7.91 -21.82
CA ILE F 48 -20.55 7.05 -22.92
C ILE F 48 -19.14 7.34 -23.53
N LYS F 49 -18.81 8.61 -23.81
CA LYS F 49 -17.48 9.02 -24.32
C LYS F 49 -16.32 8.65 -23.38
N ASN F 50 -16.66 8.19 -22.18
CA ASN F 50 -15.66 7.76 -21.19
C ASN F 50 -15.39 6.25 -21.15
N ILE F 51 -15.35 5.61 -22.32
CA ILE F 51 -15.29 4.15 -22.39
C ILE F 51 -14.36 3.65 -23.52
N LYS F 54 -14.12 -1.06 -24.51
CA LYS F 54 -14.37 0.12 -25.35
C LYS F 54 -15.53 -0.05 -26.34
N ALA F 55 -16.17 -1.22 -26.29
CA ALA F 55 -17.31 -1.61 -27.14
C ALA F 55 -18.19 -2.56 -26.36
N VAL F 56 -18.12 -2.41 -25.04
CA VAL F 56 -19.18 -2.84 -24.15
C VAL F 56 -20.47 -2.17 -24.64
N ILE F 57 -20.42 -0.85 -24.84
CA ILE F 57 -21.58 -0.12 -25.36
C ILE F 57 -22.08 -0.80 -26.66
N ASP F 58 -21.19 -1.03 -27.63
CA ASP F 58 -21.63 -1.72 -28.82
C ASP F 58 -22.44 -2.98 -28.49
N GLU F 59 -22.00 -3.72 -27.46
CA GLU F 59 -22.68 -4.94 -26.97
C GLU F 59 -24.08 -4.63 -26.36
N ILE F 60 -24.13 -3.67 -25.43
CA ILE F 60 -25.38 -3.10 -24.97
C ILE F 60 -26.25 -2.73 -26.18
N PHE F 61 -25.83 -1.76 -26.97
CA PHE F 61 -26.69 -1.25 -28.03
C PHE F 61 -27.06 -2.29 -29.04
N GLN F 62 -26.22 -3.31 -29.21
CA GLN F 62 -26.52 -4.35 -30.19
C GLN F 62 -27.70 -5.15 -29.63
N GLY F 63 -27.68 -5.39 -28.33
CA GLY F 63 -28.81 -6.03 -27.69
C GLY F 63 -30.11 -5.25 -27.84
N LEU F 64 -30.05 -3.93 -27.90
CA LEU F 64 -31.27 -3.15 -27.93
C LEU F 64 -31.85 -3.09 -29.31
N ASP F 65 -31.02 -3.31 -30.30
CA ASP F 65 -31.47 -3.05 -31.63
C ASP F 65 -31.87 -4.35 -32.28
N ALA F 66 -31.11 -5.40 -31.98
CA ALA F 66 -31.56 -6.68 -32.34
C ALA F 66 -33.04 -6.61 -31.90
N ASN F 67 -33.31 -6.56 -30.61
CA ASN F 67 -34.70 -6.67 -30.27
C ASN F 67 -35.31 -5.32 -29.98
N GLN F 68 -35.15 -4.37 -30.90
CA GLN F 68 -35.57 -3.01 -30.62
C GLN F 68 -37.07 -2.83 -30.31
N ASP F 69 -37.89 -3.81 -30.66
CA ASP F 69 -39.29 -3.64 -30.32
C ASP F 69 -39.71 -4.15 -28.95
N GLU F 70 -38.82 -4.78 -28.20
CA GLU F 70 -39.23 -5.34 -26.89
C GLU F 70 -39.17 -4.32 -25.72
N GLN F 71 -40.20 -4.41 -24.88
CA GLN F 71 -40.50 -3.46 -23.84
C GLN F 71 -39.73 -3.74 -22.55
N VAL F 72 -39.06 -2.72 -22.04
CA VAL F 72 -38.35 -2.85 -20.79
C VAL F 72 -38.84 -1.86 -19.71
N ASP F 73 -38.77 -2.26 -18.44
CA ASP F 73 -39.23 -1.43 -17.34
C ASP F 73 -38.12 -0.75 -16.56
N PHE F 74 -38.49 0.03 -15.53
CA PHE F 74 -37.48 0.76 -14.75
C PHE F 74 -36.36 -0.10 -14.18
N GLN F 75 -36.64 -1.34 -13.72
CA GLN F 75 -35.54 -2.22 -13.24
C GLN F 75 -34.49 -2.51 -14.29
N GLU F 76 -34.91 -2.94 -15.46
CA GLU F 76 -34.01 -3.33 -16.51
C GLU F 76 -33.27 -2.12 -17.00
N PHE F 77 -33.93 -0.98 -17.02
CA PHE F 77 -33.29 0.25 -17.52
C PHE F 77 -32.17 0.61 -16.56
N ILE F 78 -32.45 0.55 -15.29
CA ILE F 78 -31.44 1.05 -14.38
C ILE F 78 -30.24 0.09 -14.41
N SER F 79 -30.54 -1.20 -14.62
CA SER F 79 -29.51 -2.18 -14.67
C SER F 79 -28.61 -1.86 -15.83
N LEU F 80 -29.20 -1.66 -16.98
CA LEU F 80 -28.34 -1.31 -18.13
C LEU F 80 -27.49 -0.05 -17.88
N VAL F 81 -28.09 0.98 -17.31
CA VAL F 81 -27.46 2.25 -17.08
C VAL F 81 -26.25 1.93 -16.24
N ALA F 82 -26.49 1.11 -15.23
CA ALA F 82 -25.45 0.76 -14.27
C ALA F 82 -24.33 0.06 -15.02
N ILE F 83 -24.70 -0.93 -15.84
CA ILE F 83 -23.71 -1.55 -16.68
C ILE F 83 -22.91 -0.44 -17.40
N ALA F 84 -23.59 0.47 -18.08
CA ALA F 84 -22.88 1.53 -18.78
C ALA F 84 -21.88 2.24 -17.87
N LEU F 85 -22.23 2.43 -16.61
CA LEU F 85 -21.42 3.21 -15.69
C LEU F 85 -20.23 2.41 -15.18
N LYS F 86 -20.39 1.09 -15.08
CA LYS F 86 -19.26 0.22 -14.81
C LYS F 86 -18.17 0.41 -15.86
N ALA F 87 -18.57 0.61 -17.11
CA ALA F 87 -17.65 0.72 -18.21
C ALA F 87 -16.98 2.07 -18.22
N ALA F 88 -17.74 3.08 -17.79
CA ALA F 88 -17.23 4.42 -17.66
C ALA F 88 -16.32 4.51 -16.42
N HIS F 89 -16.16 3.38 -15.73
CA HIS F 89 -15.43 3.32 -14.47
C HIS F 89 -16.09 4.27 -13.47
N TYR F 90 -17.40 4.46 -13.61
CA TYR F 90 -18.21 5.32 -12.75
C TYR F 90 -17.85 6.79 -12.88
N HIS F 91 -17.33 7.16 -14.05
CA HIS F 91 -17.06 8.57 -14.36
C HIS F 91 -18.15 9.03 -15.31
N THR F 92 -18.83 10.15 -15.01
CA THR F 92 -19.94 10.54 -15.85
C THR F 92 -19.74 11.91 -16.45
N HIS F 93 -18.51 12.41 -16.38
CA HIS F 93 -18.23 13.79 -16.79
C HIS F 93 -17.38 13.85 -18.08
NA NA G . 25.74 -23.25 0.10
NA NA H . -14.44 -1.27 1.25
#